data_7ZSM
#
_entry.id   7ZSM
#
_cell.length_a   142.530
_cell.length_b   142.530
_cell.length_c   164.300
_cell.angle_alpha   90.000
_cell.angle_beta   90.000
_cell.angle_gamma   120.000
#
_symmetry.space_group_name_H-M   'H 3 2'
#
loop_
_entity.id
_entity.type
_entity.pdbx_description
1 polymer 'Purine nucleoside phosphorylase'
2 non-polymer '[(~{E})-2-[4-methoxy-2-[(4-oxidanylidene-3,5-dihydropyrrolo[3,2-d]pyrimidin-7-yl)sulfanyl]phenyl]ethenyl]phosphonic acid'
3 non-polymer 'SULFATE ION'
4 non-polymer 'CHLORIDE ION'
5 water water
#
_entity_poly.entity_id   1
_entity_poly.type   'polypeptide(L)'
_entity_poly.pdbx_seq_one_letter_code
;MENGYTYEDYKNTAEWLLSHTKHRPQVAIICGSGLGGLTDKLTQAQIFDYGEIPNFPRSTVPGHAGRLVFGFLNGRACVM
MQGRFHMYEGYPLWKVTFPVRVFHLLGVDTLVVTNAAGGLNPKFEVGDIMLIRDHINLPGFSGQNPLRGPNDERFGDRFP
AMSDAYDRTMRQRALSTWKQMGEQRELQEGTYVMVAGPSFETVAECRVLQKLGADAVGMSTVPEVIVARHCGLRVFGFSL
ITNKVIMDYESLEKANHEEVLAAGKQAAQKLEQFVSILMASIPLPDKAS
;
_entity_poly.pdbx_strand_id   A
#
loop_
_chem_comp.id
_chem_comp.type
_chem_comp.name
_chem_comp.formula
CL non-polymer 'CHLORIDE ION' 'Cl -1'
JU9 non-polymer '[(~{E})-2-[4-methoxy-2-[(4-oxidanylidene-3,5-dihydropyrrolo[3,2-d]pyrimidin-7-yl)sulfanyl]phenyl]ethenyl]phosphonic acid' 'C15 H14 N3 O5 P S'
SO4 non-polymer 'SULFATE ION' 'O4 S -2'
#
# COMPACT_ATOMS: atom_id res chain seq x y z
N ASN A 3 12.10 13.75 -12.38
CA ASN A 3 12.71 12.78 -11.40
C ASN A 3 14.16 13.18 -11.08
N GLY A 4 14.41 13.63 -9.86
CA GLY A 4 15.78 13.94 -9.37
C GLY A 4 16.43 12.76 -8.66
N TYR A 5 16.36 11.55 -9.23
CA TYR A 5 17.08 10.33 -8.76
C TYR A 5 17.70 9.57 -9.95
N THR A 6 18.99 9.28 -9.87
CA THR A 6 19.73 8.43 -10.85
C THR A 6 19.69 6.98 -10.36
N TYR A 7 20.07 6.01 -11.19
CA TYR A 7 20.24 4.60 -10.74
C TYR A 7 21.31 4.54 -9.65
N GLU A 8 22.41 5.29 -9.82
CA GLU A 8 23.52 5.34 -8.83
C GLU A 8 22.95 5.71 -7.46
N ASP A 9 21.97 6.63 -7.41
CA ASP A 9 21.30 7.06 -6.17
C ASP A 9 20.58 5.87 -5.52
N TYR A 10 19.80 5.12 -6.29
CA TYR A 10 19.02 3.97 -5.79
C TYR A 10 20.02 2.96 -5.20
N LYS A 11 21.03 2.60 -6.00
CA LYS A 11 22.12 1.65 -5.65
C LYS A 11 22.72 2.09 -4.31
N ASN A 12 23.13 3.35 -4.20
CA ASN A 12 23.72 3.94 -2.96
C ASN A 12 22.83 3.64 -1.75
N THR A 13 21.52 3.83 -1.87
CA THR A 13 20.58 3.64 -0.74
C THR A 13 20.52 2.15 -0.41
N ALA A 14 20.32 1.29 -1.42
CA ALA A 14 20.26 -0.17 -1.24
C ALA A 14 21.51 -0.63 -0.48
N GLU A 15 22.68 -0.40 -1.09
CA GLU A 15 24.01 -0.76 -0.54
C GLU A 15 24.13 -0.26 0.90
N TRP A 16 23.88 1.03 1.16
CA TRP A 16 23.98 1.63 2.53
C TRP A 16 23.15 0.80 3.52
N LEU A 17 21.98 0.32 3.13
CA LEU A 17 21.09 -0.48 4.02
C LEU A 17 21.68 -1.88 4.21
N LEU A 18 22.07 -2.53 3.11
CA LEU A 18 22.84 -3.81 3.16
C LEU A 18 24.06 -3.64 4.08
N SER A 19 24.87 -2.58 3.92
CA SER A 19 26.01 -2.26 4.83
C SER A 19 25.56 -2.28 6.30
N HIS A 20 24.38 -1.75 6.61
CA HIS A 20 24.00 -1.32 8.00
C HIS A 20 22.99 -2.28 8.63
N THR A 21 22.77 -3.47 8.04
CA THR A 21 21.92 -4.53 8.63
C THR A 21 22.31 -5.88 8.01
N LYS A 22 22.15 -6.98 8.76
CA LYS A 22 22.40 -8.35 8.24
C LYS A 22 21.09 -8.94 7.71
N HIS A 23 19.99 -8.19 7.81
CA HIS A 23 18.64 -8.64 7.37
C HIS A 23 18.55 -8.63 5.84
N ARG A 24 18.46 -9.79 5.18
CA ARG A 24 18.19 -9.85 3.72
C ARG A 24 16.71 -10.19 3.49
N PRO A 25 15.83 -9.18 3.28
CA PRO A 25 14.38 -9.43 3.20
C PRO A 25 13.87 -9.91 1.83
N GLN A 26 12.79 -10.72 1.86
CA GLN A 26 12.11 -11.29 0.67
C GLN A 26 10.81 -10.53 0.40
N VAL A 27 10.21 -10.01 1.48
CA VAL A 27 8.86 -9.39 1.45
C VAL A 27 8.93 -7.97 2.05
N ALA A 28 8.43 -7.00 1.28
CA ALA A 28 8.22 -5.60 1.72
C ALA A 28 6.72 -5.42 2.02
N ILE A 29 6.42 -4.81 3.15
CA ILE A 29 5.01 -4.48 3.50
C ILE A 29 4.93 -2.97 3.68
N ILE A 30 4.03 -2.32 2.97
CA ILE A 30 3.78 -0.87 3.20
C ILE A 30 2.56 -0.82 4.10
N CYS A 31 2.71 -0.29 5.30
CA CYS A 31 1.65 -0.36 6.33
C CYS A 31 0.77 0.88 6.22
N GLY A 32 -0.48 0.69 5.78
CA GLY A 32 -1.52 1.74 5.78
C GLY A 32 -2.33 1.71 7.06
N SER A 33 -3.48 2.39 7.05
CA SER A 33 -4.35 2.65 8.22
C SER A 33 -4.42 1.42 9.15
N GLY A 34 -3.96 1.61 10.40
CA GLY A 34 -4.12 0.63 11.49
C GLY A 34 -3.25 -0.59 11.33
N LEU A 35 -2.07 -0.43 10.70
CA LEU A 35 -0.95 -1.40 10.78
C LEU A 35 0.26 -0.70 11.41
N GLY A 36 0.01 0.38 12.16
CA GLY A 36 1.06 1.06 12.95
C GLY A 36 1.85 0.05 13.75
N GLY A 37 1.16 -0.69 14.62
CA GLY A 37 1.76 -1.58 15.64
C GLY A 37 2.20 -2.92 15.08
N LEU A 38 2.13 -3.14 13.76
CA LEU A 38 2.56 -4.42 13.15
C LEU A 38 4.06 -4.61 13.35
N THR A 39 4.82 -3.54 13.65
CA THR A 39 6.29 -3.65 13.89
C THR A 39 6.55 -4.33 15.24
N ASP A 40 5.57 -4.28 16.17
CA ASP A 40 5.66 -4.94 17.50
C ASP A 40 5.70 -6.46 17.35
N LYS A 41 5.27 -7.01 16.20
CA LYS A 41 5.21 -8.48 15.93
C LYS A 41 6.42 -8.94 15.13
N LEU A 42 7.28 -8.03 14.67
CA LEU A 42 8.57 -8.44 14.07
C LEU A 42 9.47 -8.96 15.21
N THR A 43 9.85 -10.24 15.15
CA THR A 43 11.00 -10.79 15.92
C THR A 43 12.29 -10.22 15.32
N GLN A 44 13.24 -9.81 16.18
CA GLN A 44 14.63 -9.46 15.78
C GLN A 44 14.63 -8.14 15.00
N ALA A 45 13.80 -7.17 15.41
CA ALA A 45 13.53 -5.91 14.69
C ALA A 45 14.79 -5.02 14.71
N GLN A 46 15.16 -4.48 13.55
CA GLN A 46 16.15 -3.39 13.40
C GLN A 46 15.43 -2.21 12.71
N ILE A 47 15.33 -1.09 13.43
CA ILE A 47 14.59 0.14 13.02
C ILE A 47 15.57 1.14 12.40
N PHE A 48 15.22 1.71 11.24
CA PHE A 48 15.83 2.95 10.69
C PHE A 48 14.76 4.04 10.60
N ASP A 49 15.12 5.25 11.02
CA ASP A 49 14.34 6.47 10.71
C ASP A 49 14.63 6.80 9.25
N TYR A 50 13.65 7.31 8.51
CA TYR A 50 13.82 7.61 7.06
C TYR A 50 15.01 8.55 6.90
N GLY A 51 15.12 9.55 7.80
CA GLY A 51 16.17 10.59 7.79
C GLY A 51 17.57 10.00 7.68
N GLU A 52 17.87 8.99 8.49
CA GLU A 52 19.18 8.30 8.47
C GLU A 52 19.36 7.70 7.08
N ILE A 53 18.31 7.09 6.53
CA ILE A 53 18.45 6.31 5.27
C ILE A 53 18.73 7.32 4.16
N PRO A 54 19.81 7.14 3.38
CA PRO A 54 20.16 8.09 2.32
C PRO A 54 19.14 8.20 1.17
N ASN A 55 19.05 9.39 0.57
CA ASN A 55 18.19 9.70 -0.60
C ASN A 55 16.73 9.37 -0.25
N PHE A 56 16.45 9.01 0.99
CA PHE A 56 15.09 8.59 1.40
C PHE A 56 14.29 9.86 1.68
N PRO A 57 13.17 10.05 0.98
CA PRO A 57 12.29 11.18 1.26
C PRO A 57 11.94 11.21 2.75
N ARG A 58 11.87 12.37 3.36
CA ARG A 58 11.46 12.53 4.79
C ARG A 58 10.27 13.48 4.82
N SER A 59 9.21 13.16 5.55
CA SER A 59 8.04 14.08 5.63
C SER A 59 8.45 15.37 6.32
N THR A 60 8.13 16.52 5.72
CA THR A 60 8.30 17.86 6.35
C THR A 60 7.40 17.94 7.58
N VAL A 61 6.19 17.37 7.49
CA VAL A 61 5.15 17.56 8.55
C VAL A 61 5.71 17.04 9.86
N PRO A 62 5.57 17.81 10.96
CA PRO A 62 6.11 17.42 12.26
C PRO A 62 5.54 16.09 12.78
N GLY A 63 4.24 15.86 12.58
CA GLY A 63 3.47 14.71 13.12
C GLY A 63 4.16 13.36 12.89
N HIS A 64 4.51 13.03 11.65
CA HIS A 64 4.88 11.62 11.33
C HIS A 64 6.39 11.51 11.08
N ALA A 65 7.09 10.75 11.92
CA ALA A 65 8.52 10.41 11.70
C ALA A 65 8.57 9.00 11.10
N GLY A 66 8.47 8.88 9.78
CA GLY A 66 8.46 7.59 9.09
C GLY A 66 9.69 6.75 9.41
N ARG A 67 9.52 5.46 9.64
CA ARG A 67 10.63 4.55 10.03
C ARG A 67 10.56 3.26 9.19
N LEU A 68 11.71 2.79 8.70
CA LEU A 68 11.82 1.51 7.98
C LEU A 68 12.34 0.44 8.95
N VAL A 69 11.67 -0.72 9.05
CA VAL A 69 12.03 -1.75 10.06
C VAL A 69 12.27 -3.10 9.39
N PHE A 70 13.46 -3.68 9.58
CA PHE A 70 13.85 -5.03 9.08
C PHE A 70 13.69 -6.06 10.20
N GLY A 71 13.25 -7.28 9.87
CA GLY A 71 13.00 -8.35 10.86
C GLY A 71 12.34 -9.56 10.25
N PHE A 72 11.79 -10.44 11.09
CA PHE A 72 11.07 -11.67 10.66
C PHE A 72 9.64 -11.61 11.15
N LEU A 73 8.69 -11.90 10.27
CA LEU A 73 7.27 -12.04 10.65
C LEU A 73 6.82 -13.44 10.21
N ASN A 74 6.44 -14.27 11.19
CA ASN A 74 5.95 -15.64 10.96
C ASN A 74 6.98 -16.38 10.10
N GLY A 75 8.27 -16.23 10.44
CA GLY A 75 9.40 -16.87 9.74
C GLY A 75 9.55 -16.39 8.31
N ARG A 76 9.16 -15.15 8.00
CA ARG A 76 9.45 -14.50 6.70
C ARG A 76 10.31 -13.27 6.94
N ALA A 77 11.41 -13.14 6.20
CA ALA A 77 12.28 -11.94 6.22
C ALA A 77 11.50 -10.78 5.58
N CYS A 78 11.13 -9.78 6.37
CA CYS A 78 10.29 -8.64 5.92
C CYS A 78 11.00 -7.32 6.15
N VAL A 79 10.79 -6.37 5.24
CA VAL A 79 11.09 -4.93 5.48
C VAL A 79 9.75 -4.21 5.51
N MET A 80 9.44 -3.51 6.59
CA MET A 80 8.13 -2.83 6.74
C MET A 80 8.33 -1.33 6.58
N MET A 81 7.38 -0.67 5.95
CA MET A 81 7.34 0.82 5.89
C MET A 81 6.22 1.26 6.83
N GLN A 82 6.58 1.99 7.89
CA GLN A 82 5.60 2.59 8.83
C GLN A 82 5.64 4.09 8.53
N GLY A 83 4.68 4.59 7.76
CA GLY A 83 4.73 5.96 7.24
C GLY A 83 4.88 5.91 5.73
N ARG A 84 4.00 6.59 5.04
CA ARG A 84 3.87 6.49 3.58
C ARG A 84 3.83 7.92 3.02
N PHE A 85 4.13 8.08 1.73
CA PHE A 85 4.13 9.38 1.05
C PHE A 85 2.90 9.43 0.13
N HIS A 86 2.15 10.53 0.15
CA HIS A 86 0.90 10.69 -0.63
C HIS A 86 0.98 11.91 -1.55
N MET A 87 0.40 11.84 -2.74
CA MET A 87 0.27 13.01 -3.63
C MET A 87 -0.18 14.21 -2.78
N TYR A 88 -1.31 14.08 -2.06
CA TYR A 88 -1.92 15.23 -1.36
C TYR A 88 -0.87 15.96 -0.52
N GLU A 89 0.15 15.28 0.02
CA GLU A 89 1.21 15.93 0.86
C GLU A 89 2.11 16.83 -0.02
N GLY A 90 2.08 16.66 -1.34
CA GLY A 90 2.87 17.48 -2.27
C GLY A 90 3.99 16.69 -2.91
N TYR A 91 4.24 15.46 -2.46
CA TYR A 91 5.35 14.64 -3.02
C TYR A 91 5.06 14.32 -4.48
N PRO A 92 6.05 14.45 -5.37
CA PRO A 92 5.92 13.92 -6.73
C PRO A 92 6.02 12.39 -6.64
N LEU A 93 5.57 11.68 -7.69
CA LEU A 93 5.40 10.21 -7.62
C LEU A 93 6.78 9.54 -7.67
N TRP A 94 7.79 10.19 -8.25
CA TRP A 94 9.16 9.63 -8.22
C TRP A 94 9.68 9.62 -6.78
N LYS A 95 9.11 10.41 -5.87
CA LYS A 95 9.43 10.35 -4.41
C LYS A 95 8.50 9.36 -3.71
N VAL A 96 7.20 9.36 -4.03
CA VAL A 96 6.22 8.46 -3.38
C VAL A 96 6.73 7.02 -3.51
N THR A 97 7.20 6.65 -4.70
CA THR A 97 7.53 5.26 -5.11
C THR A 97 9.02 4.96 -5.01
N PHE A 98 9.85 5.93 -4.61
CA PHE A 98 11.31 5.77 -4.41
C PHE A 98 11.60 4.51 -3.59
N PRO A 99 10.90 4.29 -2.46
CA PRO A 99 11.19 3.14 -1.62
C PRO A 99 11.09 1.80 -2.34
N VAL A 100 10.13 1.63 -3.24
CA VAL A 100 9.86 0.32 -3.92
C VAL A 100 11.08 -0.06 -4.76
N ARG A 101 11.69 0.89 -5.44
CA ARG A 101 12.84 0.62 -6.34
C ARG A 101 14.01 0.15 -5.46
N VAL A 102 14.08 0.64 -4.22
CA VAL A 102 15.18 0.30 -3.30
C VAL A 102 14.93 -1.12 -2.82
N PHE A 103 13.68 -1.43 -2.52
CA PHE A 103 13.30 -2.76 -2.01
C PHE A 103 13.80 -3.81 -3.00
N HIS A 104 13.54 -3.57 -4.28
CA HIS A 104 13.91 -4.51 -5.37
C HIS A 104 15.41 -4.69 -5.33
N LEU A 105 16.13 -3.59 -5.13
CA LEU A 105 17.61 -3.63 -5.16
C LEU A 105 18.12 -4.34 -3.90
N LEU A 106 17.26 -4.52 -2.89
CA LEU A 106 17.58 -5.36 -1.70
C LEU A 106 17.28 -6.82 -2.02
N GLY A 107 16.73 -7.08 -3.21
CA GLY A 107 16.26 -8.41 -3.65
C GLY A 107 14.99 -8.86 -2.95
N VAL A 108 14.09 -7.94 -2.59
CA VAL A 108 12.73 -8.29 -2.10
C VAL A 108 11.92 -8.70 -3.34
N ASP A 109 11.19 -9.81 -3.28
CA ASP A 109 10.44 -10.33 -4.46
C ASP A 109 8.94 -10.08 -4.31
N THR A 110 8.44 -9.75 -3.13
CA THR A 110 6.98 -9.65 -2.90
C THR A 110 6.63 -8.36 -2.14
N LEU A 111 5.66 -7.60 -2.64
CA LEU A 111 5.13 -6.39 -1.96
C LEU A 111 3.72 -6.65 -1.43
N VAL A 112 3.53 -6.45 -0.13
CA VAL A 112 2.19 -6.34 0.51
C VAL A 112 1.91 -4.84 0.71
N VAL A 113 0.76 -4.38 0.21
CA VAL A 113 0.28 -2.97 0.30
C VAL A 113 -1.06 -2.96 1.01
N THR A 114 -1.18 -2.22 2.10
CA THR A 114 -2.47 -2.04 2.83
C THR A 114 -2.87 -0.58 2.70
N ASN A 115 -4.13 -0.25 2.96
CA ASN A 115 -4.62 1.15 2.84
C ASN A 115 -6.04 1.29 3.39
N ALA A 116 -6.41 2.49 3.83
CA ALA A 116 -7.82 2.83 4.09
C ALA A 116 -8.50 3.12 2.76
N ALA A 117 -9.83 3.16 2.77
CA ALA A 117 -10.66 3.45 1.59
C ALA A 117 -12.12 3.65 2.04
N GLY A 118 -12.84 4.52 1.33
CA GLY A 118 -14.29 4.64 1.47
C GLY A 118 -14.98 3.57 0.65
N GLY A 119 -16.04 2.98 1.19
CA GLY A 119 -16.90 2.03 0.45
C GLY A 119 -17.72 2.76 -0.59
N LEU A 120 -17.70 2.26 -1.82
CA LEU A 120 -18.55 2.76 -2.93
C LEU A 120 -19.55 1.65 -3.28
N ASN A 121 -19.14 0.40 -3.09
CA ASN A 121 -20.02 -0.78 -3.22
C ASN A 121 -20.91 -0.82 -1.99
N PRO A 122 -22.25 -0.78 -2.19
CA PRO A 122 -23.20 -0.74 -1.08
C PRO A 122 -23.18 -1.98 -0.16
N LYS A 123 -22.75 -3.13 -0.66
CA LYS A 123 -22.68 -4.41 0.10
C LYS A 123 -21.54 -4.33 1.12
N PHE A 124 -20.72 -3.27 1.08
CA PHE A 124 -19.55 -3.10 1.97
C PHE A 124 -20.00 -2.44 3.28
N GLU A 125 -19.31 -2.74 4.39
CA GLU A 125 -19.60 -2.15 5.72
C GLU A 125 -18.29 -1.71 6.36
N VAL A 126 -18.36 -0.76 7.29
CA VAL A 126 -17.15 -0.23 7.99
C VAL A 126 -16.50 -1.42 8.72
N GLY A 127 -15.16 -1.48 8.71
CA GLY A 127 -14.40 -2.56 9.34
C GLY A 127 -14.16 -3.71 8.38
N ASP A 128 -14.83 -3.72 7.21
CA ASP A 128 -14.66 -4.79 6.19
C ASP A 128 -13.26 -4.71 5.61
N ILE A 129 -12.81 -5.81 5.01
CA ILE A 129 -11.49 -5.88 4.34
C ILE A 129 -11.73 -6.28 2.89
N MET A 130 -11.23 -5.47 1.97
CA MET A 130 -11.41 -5.70 0.51
C MET A 130 -10.05 -6.02 -0.09
N LEU A 131 -9.89 -7.24 -0.58
CA LEU A 131 -8.72 -7.65 -1.41
C LEU A 131 -8.74 -6.79 -2.67
N ILE A 132 -7.63 -6.16 -3.01
CA ILE A 132 -7.49 -5.41 -4.30
C ILE A 132 -7.23 -6.45 -5.37
N ARG A 133 -8.21 -6.60 -6.25
CA ARG A 133 -8.20 -7.46 -7.47
C ARG A 133 -7.69 -6.64 -8.66
N ASP A 134 -8.09 -5.36 -8.72
CA ASP A 134 -7.71 -4.42 -9.79
C ASP A 134 -7.72 -3.01 -9.21
N HIS A 135 -7.10 -2.06 -9.91
CA HIS A 135 -7.21 -0.62 -9.59
C HIS A 135 -7.70 0.14 -10.82
N ILE A 136 -8.22 1.33 -10.60
CA ILE A 136 -8.43 2.38 -11.65
C ILE A 136 -7.53 3.54 -11.28
N ASN A 137 -6.48 3.80 -12.07
CA ASN A 137 -5.48 4.87 -11.80
C ASN A 137 -5.93 6.16 -12.49
N LEU A 138 -6.77 6.95 -11.84
CA LEU A 138 -7.37 8.17 -12.45
C LEU A 138 -6.28 9.21 -12.68
N PRO A 139 -5.37 9.50 -11.72
CA PRO A 139 -4.23 10.36 -11.99
C PRO A 139 -3.35 9.93 -13.18
N GLY A 140 -3.07 8.64 -13.29
CA GLY A 140 -2.22 8.10 -14.38
C GLY A 140 -2.71 8.51 -15.75
N PHE A 141 -4.03 8.53 -15.97
CA PHE A 141 -4.68 8.88 -17.26
C PHE A 141 -4.23 10.26 -17.72
N SER A 142 -3.98 11.16 -16.77
CA SER A 142 -3.78 12.61 -17.03
C SER A 142 -2.29 12.93 -17.11
N GLY A 143 -1.42 11.96 -16.84
CA GLY A 143 0.04 12.13 -16.93
C GLY A 143 0.75 11.74 -15.64
N GLN A 144 0.02 11.63 -14.53
CA GLN A 144 0.59 11.42 -13.17
C GLN A 144 0.80 9.93 -12.94
N ASN A 145 1.68 9.33 -13.75
CA ASN A 145 2.11 7.92 -13.67
C ASN A 145 3.57 7.94 -13.25
N PRO A 146 4.02 7.06 -12.33
CA PRO A 146 5.38 7.16 -11.78
C PRO A 146 6.49 6.68 -12.73
N LEU A 147 6.14 6.16 -13.90
CA LEU A 147 7.08 5.70 -14.95
C LEU A 147 7.27 6.78 -16.02
N ARG A 148 6.47 7.86 -15.95
CA ARG A 148 6.58 9.03 -16.85
C ARG A 148 8.02 9.52 -16.75
N GLY A 149 8.71 9.65 -17.90
CA GLY A 149 10.13 10.04 -18.02
C GLY A 149 10.92 8.97 -18.75
N PRO A 150 12.26 9.10 -18.85
CA PRO A 150 13.11 8.03 -19.37
C PRO A 150 12.90 6.69 -18.64
N ASN A 151 12.89 5.57 -19.37
CA ASN A 151 12.82 4.21 -18.75
C ASN A 151 14.23 3.66 -18.57
N ASP A 152 14.51 3.11 -17.40
CA ASP A 152 15.77 2.35 -17.14
C ASP A 152 15.49 0.86 -17.32
N GLU A 153 16.15 0.25 -18.32
CA GLU A 153 16.08 -1.20 -18.63
C GLU A 153 16.39 -2.03 -17.37
N ARG A 154 17.22 -1.49 -16.46
CA ARG A 154 17.71 -2.25 -15.27
C ARG A 154 16.59 -2.47 -14.26
N PHE A 155 15.48 -1.72 -14.37
CA PHE A 155 14.26 -1.93 -13.54
C PHE A 155 13.24 -2.74 -14.33
N GLY A 156 12.99 -2.38 -15.59
CA GLY A 156 11.97 -3.09 -16.40
C GLY A 156 11.74 -2.47 -17.76
N ASP A 157 10.65 -2.89 -18.41
CA ASP A 157 10.29 -2.51 -19.79
C ASP A 157 9.68 -1.12 -19.78
N ARG A 158 9.83 -0.40 -20.90
CA ARG A 158 9.28 0.96 -21.12
C ARG A 158 7.74 0.90 -20.96
N PHE A 159 7.10 -0.18 -21.43
CA PHE A 159 5.62 -0.29 -21.48
C PHE A 159 5.15 -1.56 -20.78
N PRO A 160 5.29 -1.64 -19.44
CA PRO A 160 4.76 -2.77 -18.69
C PRO A 160 3.23 -2.89 -18.72
N ALA A 161 2.71 -4.12 -18.73
CA ALA A 161 1.27 -4.43 -18.62
C ALA A 161 0.88 -4.38 -17.15
N MET A 162 -0.41 -4.18 -16.85
CA MET A 162 -0.95 -4.09 -15.47
C MET A 162 -2.24 -4.91 -15.30
N SER A 163 -2.79 -5.45 -16.40
CA SER A 163 -4.03 -6.25 -16.42
C SER A 163 -3.96 -7.35 -15.36
N ASP A 164 -2.74 -7.81 -15.04
CA ASP A 164 -2.40 -8.90 -14.08
C ASP A 164 -1.70 -8.38 -12.81
N ALA A 165 -1.73 -7.08 -12.49
CA ALA A 165 -0.90 -6.51 -11.40
C ALA A 165 -1.11 -7.28 -10.08
N TYR A 166 -2.35 -7.60 -9.71
CA TYR A 166 -2.66 -8.19 -8.39
C TYR A 166 -2.70 -9.72 -8.54
N ASP A 167 -1.66 -10.39 -8.00
CA ASP A 167 -1.42 -11.85 -8.11
C ASP A 167 -2.70 -12.63 -7.81
N ARG A 168 -3.12 -13.52 -8.71
CA ARG A 168 -4.32 -14.40 -8.57
C ARG A 168 -4.10 -15.37 -7.39
N THR A 169 -2.92 -16.01 -7.34
CA THR A 169 -2.62 -17.08 -6.35
C THR A 169 -2.72 -16.52 -4.93
N MET A 170 -2.01 -15.42 -4.65
CA MET A 170 -1.98 -14.76 -3.32
C MET A 170 -3.42 -14.55 -2.84
N ARG A 171 -4.33 -14.27 -3.77
CA ARG A 171 -5.69 -13.78 -3.44
C ARG A 171 -6.56 -14.98 -3.02
N GLN A 172 -6.50 -16.06 -3.78
CA GLN A 172 -7.04 -17.39 -3.36
C GLN A 172 -6.46 -17.75 -1.99
N ARG A 173 -5.14 -17.79 -1.88
CA ARG A 173 -4.46 -18.21 -0.62
C ARG A 173 -4.87 -17.28 0.52
N ALA A 174 -5.39 -16.09 0.22
CA ALA A 174 -5.85 -15.12 1.24
C ALA A 174 -7.30 -15.41 1.66
N LEU A 175 -8.13 -15.93 0.75
CA LEU A 175 -9.53 -16.34 1.06
C LEU A 175 -9.47 -17.54 2.01
N SER A 176 -8.58 -18.50 1.74
CA SER A 176 -8.34 -19.70 2.59
C SER A 176 -7.99 -19.27 4.02
N THR A 177 -6.97 -18.43 4.19
CA THR A 177 -6.48 -17.96 5.51
C THR A 177 -7.65 -17.34 6.29
N TRP A 178 -8.57 -16.65 5.61
CA TRP A 178 -9.74 -16.00 6.24
C TRP A 178 -10.56 -17.03 7.02
N LYS A 179 -10.92 -18.14 6.37
CA LYS A 179 -11.72 -19.25 6.97
C LYS A 179 -10.98 -19.75 8.22
N GLN A 180 -9.66 -19.96 8.13
CA GLN A 180 -8.79 -20.38 9.26
C GLN A 180 -8.87 -19.34 10.39
N MET A 181 -8.93 -18.05 10.06
CA MET A 181 -9.12 -16.98 11.08
C MET A 181 -10.50 -17.09 11.71
N GLY A 182 -11.45 -17.75 11.01
CA GLY A 182 -12.85 -17.91 11.44
C GLY A 182 -13.53 -16.58 11.73
N GLU A 183 -13.31 -15.57 10.87
CA GLU A 183 -13.91 -14.22 11.00
C GLU A 183 -15.42 -14.32 10.75
N GLN A 184 -16.21 -13.54 11.50
CA GLN A 184 -17.70 -13.48 11.37
C GLN A 184 -18.09 -12.94 9.98
N ARG A 185 -17.25 -12.12 9.35
CA ARG A 185 -17.62 -11.37 8.12
C ARG A 185 -16.74 -11.85 6.97
N GLU A 186 -17.33 -12.06 5.79
CA GLU A 186 -16.61 -12.59 4.60
C GLU A 186 -15.62 -11.54 4.07
N LEU A 187 -14.37 -11.96 3.87
CA LEU A 187 -13.32 -11.18 3.18
C LEU A 187 -13.87 -10.74 1.82
N GLN A 188 -13.83 -9.44 1.53
CA GLN A 188 -14.38 -8.86 0.27
C GLN A 188 -13.28 -8.83 -0.81
N GLU A 189 -13.69 -8.66 -2.07
CA GLU A 189 -12.79 -8.57 -3.24
C GLU A 189 -13.33 -7.47 -4.16
N GLY A 190 -12.48 -6.61 -4.70
CA GLY A 190 -12.95 -5.46 -5.51
C GLY A 190 -11.87 -4.61 -6.16
N THR A 191 -12.33 -3.53 -6.80
CA THR A 191 -11.51 -2.55 -7.55
C THR A 191 -11.34 -1.27 -6.73
N TYR A 192 -10.10 -0.85 -6.56
CA TYR A 192 -9.72 0.36 -5.80
C TYR A 192 -9.41 1.48 -6.81
N VAL A 193 -10.17 2.57 -6.75
CA VAL A 193 -9.87 3.79 -7.53
C VAL A 193 -9.04 4.69 -6.64
N MET A 194 -7.88 5.12 -7.15
CA MET A 194 -7.07 6.19 -6.51
C MET A 194 -7.55 7.56 -7.00
N VAL A 195 -7.65 8.46 -6.05
CA VAL A 195 -7.94 9.91 -6.20
C VAL A 195 -6.85 10.63 -5.43
N ALA A 196 -6.43 11.82 -5.85
CA ALA A 196 -5.28 12.55 -5.25
C ALA A 196 -5.66 13.17 -3.91
N GLY A 197 -6.93 13.52 -3.71
CA GLY A 197 -7.38 14.28 -2.52
C GLY A 197 -6.66 15.62 -2.38
N PRO A 198 -6.54 16.19 -1.16
CA PRO A 198 -6.91 15.52 0.09
C PRO A 198 -8.36 15.66 0.58
N SER A 199 -9.15 16.54 -0.05
CA SER A 199 -10.58 16.74 0.28
C SER A 199 -11.34 15.45 -0.02
N PHE A 200 -12.39 15.17 0.74
CA PHE A 200 -13.29 14.00 0.54
C PHE A 200 -14.18 14.26 -0.69
N GLU A 201 -14.82 13.22 -1.21
CA GLU A 201 -15.60 13.28 -2.47
C GLU A 201 -16.90 14.03 -2.24
N THR A 202 -17.41 14.71 -3.27
CA THR A 202 -18.83 15.16 -3.31
C THR A 202 -19.70 13.93 -3.62
N VAL A 203 -21.01 14.12 -3.65
CA VAL A 203 -22.00 13.05 -3.96
C VAL A 203 -21.94 12.77 -5.47
N ALA A 204 -21.99 13.83 -6.29
CA ALA A 204 -21.87 13.69 -7.76
C ALA A 204 -20.59 12.92 -8.06
N GLU A 205 -19.54 13.23 -7.28
CA GLU A 205 -18.19 12.63 -7.43
C GLU A 205 -18.29 11.15 -7.04
N CYS A 206 -18.84 10.85 -5.87
CA CYS A 206 -19.06 9.45 -5.41
C CYS A 206 -19.85 8.68 -6.47
N ARG A 207 -20.86 9.30 -7.09
CA ARG A 207 -21.68 8.63 -8.14
C ARG A 207 -20.82 8.38 -9.38
N VAL A 208 -19.94 9.31 -9.75
CA VAL A 208 -19.00 9.13 -10.90
C VAL A 208 -18.18 7.86 -10.63
N LEU A 209 -17.60 7.73 -9.43
CA LEU A 209 -16.64 6.65 -9.13
C LEU A 209 -17.35 5.29 -9.09
N GLN A 210 -18.58 5.24 -8.59
CA GLN A 210 -19.37 3.99 -8.52
C GLN A 210 -19.70 3.56 -9.96
N LYS A 211 -20.05 4.53 -10.80
CA LYS A 211 -20.47 4.29 -12.21
C LYS A 211 -19.27 3.87 -13.05
N LEU A 212 -18.05 4.28 -12.66
CA LEU A 212 -16.81 3.89 -13.38
C LEU A 212 -16.45 2.44 -13.04
N GLY A 213 -17.09 1.87 -12.01
CA GLY A 213 -16.93 0.45 -11.63
C GLY A 213 -16.04 0.25 -10.41
N ALA A 214 -15.84 1.28 -9.59
CA ALA A 214 -14.96 1.22 -8.40
C ALA A 214 -15.76 0.71 -7.20
N ASP A 215 -15.14 -0.16 -6.40
CA ASP A 215 -15.73 -0.71 -5.15
C ASP A 215 -15.20 0.08 -3.96
N ALA A 216 -13.98 0.59 -4.01
CA ALA A 216 -13.44 1.46 -2.95
C ALA A 216 -12.60 2.60 -3.54
N VAL A 217 -12.53 3.73 -2.82
CA VAL A 217 -11.74 4.95 -3.18
C VAL A 217 -10.78 5.27 -2.02
N GLY A 218 -9.49 5.40 -2.34
CA GLY A 218 -8.44 5.83 -1.40
C GLY A 218 -7.44 6.71 -2.12
N MET A 219 -6.32 7.07 -1.48
CA MET A 219 -5.46 8.17 -1.95
C MET A 219 -4.00 7.72 -2.01
N SER A 220 -3.76 6.44 -2.28
CA SER A 220 -2.41 5.85 -2.18
C SER A 220 -2.28 4.58 -3.01
N THR A 221 -1.21 3.81 -2.76
CA THR A 221 -1.02 2.41 -3.21
C THR A 221 -0.70 2.31 -4.70
N VAL A 222 -1.58 2.82 -5.57
CA VAL A 222 -1.53 2.55 -7.02
C VAL A 222 -0.15 2.88 -7.58
N PRO A 223 0.46 4.05 -7.29
CA PRO A 223 1.79 4.34 -7.84
C PRO A 223 2.78 3.25 -7.40
N GLU A 224 2.66 2.77 -6.17
CA GLU A 224 3.61 1.78 -5.61
C GLU A 224 3.43 0.46 -6.37
N VAL A 225 2.18 0.05 -6.58
CA VAL A 225 1.84 -1.20 -7.33
C VAL A 225 2.45 -1.10 -8.74
N ILE A 226 2.36 0.05 -9.39
CA ILE A 226 2.81 0.20 -10.80
C ILE A 226 4.33 0.04 -10.87
N VAL A 227 5.09 0.67 -9.97
CA VAL A 227 6.57 0.53 -10.07
C VAL A 227 6.96 -0.85 -9.54
N ALA A 228 6.17 -1.46 -8.65
CA ALA A 228 6.48 -2.82 -8.15
C ALA A 228 6.39 -3.80 -9.34
N ARG A 229 5.27 -3.74 -10.06
CA ARG A 229 5.02 -4.57 -11.26
C ARG A 229 6.04 -4.24 -12.35
N HIS A 230 6.54 -3.00 -12.40
CA HIS A 230 7.54 -2.58 -13.41
C HIS A 230 8.85 -3.31 -13.10
N CYS A 231 9.11 -3.60 -11.83
CA CYS A 231 10.36 -4.22 -11.31
C CYS A 231 10.24 -5.74 -11.28
N GLY A 232 9.04 -6.28 -11.54
CA GLY A 232 8.78 -7.73 -11.56
C GLY A 232 8.35 -8.28 -10.20
N LEU A 233 8.03 -7.43 -9.23
CA LEU A 233 7.59 -7.88 -7.88
C LEU A 233 6.18 -8.50 -7.98
N ARG A 234 5.96 -9.60 -7.26
CA ARG A 234 4.60 -10.12 -7.00
C ARG A 234 3.93 -9.10 -6.08
N VAL A 235 2.65 -8.80 -6.31
CA VAL A 235 1.92 -7.75 -5.55
C VAL A 235 0.64 -8.34 -5.01
N PHE A 236 0.43 -8.19 -3.70
CA PHE A 236 -0.85 -8.46 -3.00
C PHE A 236 -1.21 -7.22 -2.17
N GLY A 237 -2.48 -6.82 -2.20
CA GLY A 237 -2.97 -5.70 -1.39
C GLY A 237 -4.43 -5.84 -1.00
N PHE A 238 -4.78 -5.24 0.13
CA PHE A 238 -6.18 -5.02 0.58
C PHE A 238 -6.35 -3.61 1.16
N SER A 239 -7.63 -3.21 1.30
CA SER A 239 -8.11 -1.96 1.93
C SER A 239 -8.94 -2.29 3.18
N LEU A 240 -8.74 -1.51 4.25
CA LEU A 240 -9.71 -1.39 5.37
C LEU A 240 -10.85 -0.46 4.93
N ILE A 241 -12.09 -0.93 4.87
CA ILE A 241 -13.26 -0.05 4.57
C ILE A 241 -13.51 0.84 5.80
N THR A 242 -12.91 2.03 5.83
CA THR A 242 -13.01 2.95 6.99
C THR A 242 -14.38 3.62 7.05
N ASN A 243 -15.08 3.78 5.92
CA ASN A 243 -16.36 4.53 5.87
C ASN A 243 -17.15 4.17 4.60
N LYS A 244 -18.43 4.53 4.56
CA LYS A 244 -19.30 4.36 3.37
C LYS A 244 -19.47 5.73 2.72
N VAL A 245 -19.01 5.88 1.48
CA VAL A 245 -18.95 7.21 0.80
C VAL A 245 -20.41 7.70 0.69
N ILE A 246 -20.70 8.86 1.27
CA ILE A 246 -22.06 9.48 1.21
C ILE A 246 -22.50 9.59 -0.25
N MET A 247 -23.55 8.86 -0.66
CA MET A 247 -23.98 8.75 -2.08
C MET A 247 -25.35 9.41 -2.33
N ASP A 248 -25.88 10.21 -1.37
CA ASP A 248 -27.19 10.90 -1.53
C ASP A 248 -27.20 12.24 -0.76
N TYR A 249 -28.04 13.18 -1.20
CA TYR A 249 -28.12 14.57 -0.68
C TYR A 249 -29.00 14.60 0.57
N GLU A 250 -29.83 13.57 0.77
CA GLU A 250 -30.82 13.49 1.87
C GLU A 250 -30.11 13.20 3.20
N SER A 251 -29.00 12.44 3.20
CA SER A 251 -28.12 12.21 4.39
C SER A 251 -27.67 13.57 4.95
N LEU A 252 -27.44 13.67 6.26
CA LEU A 252 -26.92 14.90 6.93
C LEU A 252 -25.58 14.54 7.58
N GLU A 253 -24.78 13.72 6.89
CA GLU A 253 -23.50 13.12 7.40
C GLU A 253 -22.33 13.47 6.47
N LYS A 254 -21.27 14.05 7.03
CA LYS A 254 -20.00 14.37 6.35
C LYS A 254 -19.01 13.25 6.66
N ALA A 255 -18.20 12.82 5.69
CA ALA A 255 -17.01 11.97 5.97
C ALA A 255 -16.07 12.78 6.87
N ASN A 256 -15.11 12.14 7.53
CA ASN A 256 -14.14 12.83 8.43
C ASN A 256 -12.95 11.92 8.71
N HIS A 257 -11.78 12.51 8.93
CA HIS A 257 -10.50 11.78 9.22
C HIS A 257 -10.65 10.99 10.53
N GLU A 258 -11.27 11.57 11.56
CA GLU A 258 -11.45 10.94 12.89
C GLU A 258 -12.06 9.53 12.71
N GLU A 259 -13.12 9.42 11.90
CA GLU A 259 -13.84 8.13 11.69
C GLU A 259 -12.91 7.12 10.99
N VAL A 260 -11.82 7.60 10.34
CA VAL A 260 -10.82 6.79 9.59
C VAL A 260 -9.77 6.27 10.56
N LEU A 261 -9.26 7.16 11.43
CA LEU A 261 -8.37 6.83 12.58
C LEU A 261 -9.05 5.79 13.48
N ALA A 262 -10.33 6.02 13.81
CA ALA A 262 -11.19 5.14 14.65
C ALA A 262 -11.22 3.71 14.06
N ALA A 263 -11.78 3.56 12.85
CA ALA A 263 -11.93 2.28 12.13
C ALA A 263 -10.58 1.56 12.07
N GLY A 264 -9.48 2.33 12.05
CA GLY A 264 -8.08 1.89 12.00
C GLY A 264 -7.59 1.34 13.34
N LYS A 265 -7.83 2.05 14.45
CA LYS A 265 -7.53 1.55 15.82
C LYS A 265 -8.39 0.29 16.06
N GLN A 266 -9.64 0.28 15.58
CA GLN A 266 -10.64 -0.79 15.84
C GLN A 266 -10.28 -2.09 15.11
N ALA A 267 -9.58 -2.02 13.98
CA ALA A 267 -9.32 -3.19 13.11
C ALA A 267 -7.85 -3.62 13.23
N ALA A 268 -7.05 -2.93 14.04
CA ALA A 268 -5.59 -3.13 14.11
C ALA A 268 -5.30 -4.62 14.34
N GLN A 269 -5.77 -5.15 15.48
CA GLN A 269 -5.54 -6.55 15.91
C GLN A 269 -5.82 -7.51 14.74
N LYS A 270 -7.03 -7.45 14.19
CA LYS A 270 -7.53 -8.34 13.10
C LYS A 270 -6.55 -8.27 11.91
N LEU A 271 -6.15 -7.06 11.51
CA LEU A 271 -5.28 -6.78 10.34
C LEU A 271 -3.88 -7.33 10.58
N GLU A 272 -3.34 -7.08 11.78
CA GLU A 272 -2.00 -7.55 12.23
C GLU A 272 -1.93 -9.08 12.16
N GLN A 273 -3.03 -9.75 12.51
CA GLN A 273 -3.14 -11.23 12.56
C GLN A 273 -3.08 -11.74 11.11
N PHE A 274 -4.05 -11.29 10.31
CA PHE A 274 -4.25 -11.65 8.88
C PHE A 274 -2.93 -11.55 8.10
N VAL A 275 -2.15 -10.50 8.36
CA VAL A 275 -0.91 -10.24 7.56
C VAL A 275 0.15 -11.27 7.96
N SER A 276 0.29 -11.55 9.25
CA SER A 276 1.34 -12.45 9.78
C SER A 276 1.00 -13.90 9.38
N ILE A 277 -0.27 -14.30 9.39
CA ILE A 277 -0.63 -15.69 8.94
C ILE A 277 -0.30 -15.77 7.45
N LEU A 278 -0.50 -14.67 6.73
CA LEU A 278 -0.37 -14.61 5.25
C LEU A 278 1.07 -14.86 4.81
N MET A 279 2.06 -14.53 5.65
CA MET A 279 3.51 -14.70 5.36
C MET A 279 3.79 -16.17 5.00
N ALA A 280 3.10 -17.08 5.69
CA ALA A 280 3.21 -18.55 5.51
C ALA A 280 2.84 -18.93 4.08
N SER A 281 1.81 -18.29 3.50
CA SER A 281 1.35 -18.57 2.12
C SER A 281 2.21 -17.86 1.08
N ILE A 282 3.19 -17.05 1.49
CA ILE A 282 4.07 -16.33 0.54
C ILE A 282 5.12 -17.32 0.05
N PRO A 283 5.13 -17.65 -1.26
CA PRO A 283 6.13 -18.56 -1.83
C PRO A 283 7.56 -18.09 -1.52
N LEU A 284 8.46 -19.01 -1.18
CA LEU A 284 9.89 -18.68 -0.90
C LEU A 284 10.68 -18.73 -2.21
N1 JU9 B . -12.00 7.03 3.21
N3 JU9 B . -10.34 8.31 0.36
C4 JU9 B . -5.71 9.10 4.52
C5 JU9 B . -6.21 8.06 3.73
C6 JU9 B . -5.35 6.93 3.35
C7 JU9 B . -4.07 6.74 3.64
C8 JU9 B . -7.53 8.09 3.30
C10 JU9 B . -10.73 6.63 3.47
C13 JU9 B . -11.29 8.88 -0.31
C15 JU9 B . -8.34 9.16 3.66
C1 JU9 B . -9.25 11.91 3.69
O1 JU9 B . -8.66 11.22 4.78
C2 JU9 B . -7.85 10.17 4.46
C3 JU9 B . -6.53 10.16 4.88
P1 JU9 B . -3.40 5.19 3.30
O2 JU9 B . -3.75 4.76 1.91
O3 JU9 B . -3.95 4.19 4.28
O4 JU9 B . -1.92 5.19 3.42
S1 JU9 B . -8.20 6.78 2.29
C9 JU9 B . -9.92 7.04 2.44
C11 JU9 B . -12.01 7.72 2.01
C12 JU9 B . -13.04 8.34 1.28
O5 JU9 B . -14.25 8.41 1.58
N2 JU9 B . -12.57 8.91 0.10
C14 JU9 B . -10.70 7.72 1.54
S SO4 C . -16.19 -9.76 -13.33
O1 SO4 C . -15.23 -8.92 -12.67
O2 SO4 C . -15.79 -9.94 -14.70
O3 SO4 C . -17.49 -9.13 -13.28
O4 SO4 C . -16.24 -11.03 -12.67
S SO4 D . -9.70 -13.57 -10.43
O1 SO4 D . -8.94 -12.69 -11.27
O2 SO4 D . -9.80 -13.01 -9.11
O3 SO4 D . -9.03 -14.85 -10.37
O4 SO4 D . -11.02 -13.75 -10.98
CL CL E . 6.17 18.09 -18.01
CL CL F . 15.93 16.42 2.01
CL CL G . 4.40 16.58 -9.70
#